data_5UAD
#
_entry.id   5UAD
#
_cell.length_a   42.612
_cell.length_b   47.468
_cell.length_c   161.142
_cell.angle_alpha   90.000
_cell.angle_beta   90.000
_cell.angle_gamma   90.000
#
_symmetry.space_group_name_H-M   'P 21 21 21'
#
loop_
_entity.id
_entity.type
_entity.pdbx_description
1 polymer 'Hepatocyte growth factor receptor'
2 non-polymer N-(6-{[6-(1-methyl-1H-pyrazol-4-yl)-1H-benzotriazol-1-yl]methyl}imidazo[1,2-b]pyridazin-2-yl)cyclopropanecarboxamide
3 non-polymer 'CHLORIDE ION'
4 water water
#
_entity_poly.entity_id   1
_entity_poly.type   'polypeptide(L)'
_entity_poly.pdbx_seq_one_letter_code
;GAMGSQVQYPLTDMSPILTSGDSDISSPLLQNTVHIDLSALNPELVQAVQHVVIGPSSLIVHFNEVIGRGHFGCVYHGTL
LDNDGKKIHCAVKSLNRITDIGEVSQFLTEGIIMKDFSHPNVLSLLGICLRSEGSPLVVLPYMKHGDLRNFIRNETHNPT
VKDLIGFGLQVAKGMKYLASKKFVHRDLAARNCMLDEKFTVKVADFGLARDMYDKEYYSVHNKTGAKLPVKWMALESLQT
QKFTTKSDVWSFGVLLWELMTRGAPPYPDVNTFDITVYLLQGRRLLQPEYCPDPLYEVMLKCWHPKAEMRPSFSELVSRI
SAIFSTFIGEHYVHVNATYVNVK
;
_entity_poly.pdbx_strand_id   A
#
loop_
_chem_comp.id
_chem_comp.type
_chem_comp.name
_chem_comp.formula
84P non-polymer N-(6-{[6-(1-methyl-1H-pyrazol-4-yl)-1H-benzotriazol-1-yl]methyl}imidazo[1,2-b]pyridazin-2-yl)cyclopropanecarboxamide 'C21 H19 N9 O'
CL non-polymer 'CHLORIDE ION' 'Cl -1'
#
# COMPACT_ATOMS: atom_id res chain seq x y z
N THR A 12 -17.86 1.82 18.97
CA THR A 12 -16.53 1.14 19.13
C THR A 12 -15.77 1.64 20.37
N ASP A 13 -14.95 0.77 20.95
CA ASP A 13 -14.06 1.14 22.05
C ASP A 13 -12.87 1.89 21.44
N MET A 14 -12.66 3.14 21.87
CA MET A 14 -11.45 3.89 21.51
C MET A 14 -10.60 4.32 22.70
N SER A 15 -11.20 4.55 23.87
CA SER A 15 -10.43 4.75 25.10
C SER A 15 -9.87 3.42 25.63
N PRO A 16 -8.60 3.40 26.10
CA PRO A 16 -8.01 2.18 26.69
C PRO A 16 -8.77 1.56 27.89
N ILE A 17 -8.43 0.30 28.19
CA ILE A 17 -9.01 -0.45 29.29
C ILE A 17 -7.93 -0.69 30.34
N ASN A 42 -24.32 -4.86 -22.60
CA ASN A 42 -24.71 -3.47 -22.21
C ASN A 42 -23.98 -2.42 -23.09
N PRO A 43 -24.64 -1.95 -24.19
CA PRO A 43 -24.03 -1.02 -25.15
C PRO A 43 -23.38 0.24 -24.57
N GLU A 44 -23.95 0.77 -23.49
CA GLU A 44 -23.44 1.97 -22.84
C GLU A 44 -22.06 1.72 -22.22
N LEU A 45 -21.95 0.61 -21.49
CA LEU A 45 -20.68 0.18 -20.89
C LEU A 45 -19.62 -0.20 -21.93
N VAL A 46 -20.05 -0.75 -23.06
CA VAL A 46 -19.13 -1.21 -24.10
C VAL A 46 -18.41 -0.04 -24.77
N GLN A 47 -19.14 1.04 -25.06
CA GLN A 47 -18.52 2.21 -25.69
C GLN A 47 -17.70 3.01 -24.68
N ALA A 48 -18.15 3.04 -23.43
CA ALA A 48 -17.42 3.72 -22.35
C ALA A 48 -16.09 3.06 -21.97
N VAL A 49 -15.97 1.75 -22.21
CA VAL A 49 -14.76 0.98 -21.89
C VAL A 49 -13.74 0.95 -23.04
N GLN A 50 -14.13 1.41 -24.23
CA GLN A 50 -13.24 1.34 -25.43
C GLN A 50 -11.85 1.97 -25.26
N HIS A 51 -11.76 3.05 -24.49
CA HIS A 51 -10.49 3.72 -24.22
C HIS A 51 -9.55 2.95 -23.24
N VAL A 52 -10.06 1.87 -22.62
CA VAL A 52 -9.29 1.02 -21.70
C VAL A 52 -8.81 -0.30 -22.35
N VAL A 53 -9.54 -0.79 -23.36
CA VAL A 53 -9.27 -2.10 -23.94
C VAL A 53 -8.01 -2.05 -24.80
N ILE A 54 -7.19 -3.10 -24.69
CA ILE A 54 -6.03 -3.30 -25.56
C ILE A 54 -6.37 -4.43 -26.50
N GLY A 55 -6.04 -4.25 -27.78
CA GLY A 55 -6.31 -5.26 -28.79
C GLY A 55 -5.51 -6.53 -28.54
N PRO A 56 -6.08 -7.70 -28.90
CA PRO A 56 -5.42 -8.98 -28.62
C PRO A 56 -4.04 -9.13 -29.30
N SER A 57 -3.93 -8.66 -30.54
CA SER A 57 -2.69 -8.75 -31.30
C SER A 57 -1.61 -7.72 -30.92
N SER A 58 -1.98 -6.70 -30.13
CA SER A 58 -1.03 -5.66 -29.68
C SER A 58 -0.41 -5.91 -28.28
N LEU A 59 -0.52 -7.14 -27.77
CA LEU A 59 0.01 -7.50 -26.45
C LEU A 59 0.49 -8.95 -26.43
N ILE A 60 1.73 -9.14 -25.97
CA ILE A 60 2.33 -10.46 -25.83
C ILE A 60 2.60 -10.67 -24.34
N VAL A 61 2.07 -11.76 -23.80
CA VAL A 61 2.27 -12.12 -22.40
C VAL A 61 3.28 -13.26 -22.31
N HIS A 62 4.29 -13.10 -21.46
CA HIS A 62 5.34 -14.11 -21.30
C HIS A 62 5.04 -14.98 -20.09
N PHE A 63 4.30 -16.05 -20.33
CA PHE A 63 3.84 -16.93 -19.27
C PHE A 63 4.93 -17.77 -18.59
N ASN A 64 6.14 -17.78 -19.16
CA ASN A 64 7.29 -18.46 -18.55
C ASN A 64 7.80 -17.76 -17.31
N GLU A 65 7.88 -16.42 -17.38
CA GLU A 65 8.52 -15.62 -16.35
C GLU A 65 7.49 -15.11 -15.35
N VAL A 66 7.34 -15.84 -14.25
CA VAL A 66 6.42 -15.49 -13.18
C VAL A 66 7.07 -14.41 -12.34
N ILE A 67 6.56 -13.19 -12.43
CA ILE A 67 7.04 -12.10 -11.60
C ILE A 67 6.65 -12.37 -10.16
N GLY A 68 5.35 -12.52 -9.92
CA GLY A 68 4.81 -12.75 -8.57
C GLY A 68 3.60 -13.66 -8.58
N ARG A 69 3.10 -13.95 -7.38
CA ARG A 69 1.89 -14.77 -7.20
C ARG A 69 0.95 -14.07 -6.22
N GLY A 70 -0.35 -14.23 -6.49
CA GLY A 70 -1.39 -13.76 -5.59
C GLY A 70 -2.55 -14.73 -5.56
N HIS A 71 -3.48 -14.50 -4.63
CA HIS A 71 -4.66 -15.35 -4.44
C HIS A 71 -5.55 -15.33 -5.68
N PHE A 72 -5.87 -14.13 -6.16
CA PHE A 72 -6.78 -13.91 -7.28
C PHE A 72 -6.15 -14.02 -8.67
N GLY A 73 -4.83 -13.95 -8.76
CA GLY A 73 -4.17 -14.07 -10.06
C GLY A 73 -2.67 -13.97 -10.02
N CYS A 74 -2.02 -14.73 -10.89
CA CYS A 74 -0.57 -14.73 -11.04
C CYS A 74 -0.16 -13.58 -11.94
N VAL A 75 1.00 -12.97 -11.65
CA VAL A 75 1.50 -11.81 -12.40
C VAL A 75 2.68 -12.22 -13.28
N TYR A 76 2.70 -11.72 -14.51
CA TYR A 76 3.64 -12.17 -15.53
C TYR A 76 4.32 -11.00 -16.25
N HIS A 77 5.50 -11.28 -16.81
CA HIS A 77 6.19 -10.36 -17.73
C HIS A 77 5.41 -10.22 -19.02
N GLY A 78 5.33 -8.99 -19.54
CA GLY A 78 4.57 -8.70 -20.76
C GLY A 78 5.24 -7.67 -21.65
N THR A 79 4.82 -7.65 -22.91
CA THR A 79 5.28 -6.67 -23.90
C THR A 79 4.06 -6.11 -24.61
N LEU A 80 3.96 -4.77 -24.62
CA LEU A 80 2.77 -4.07 -25.06
C LEU A 80 2.89 -3.61 -26.51
N HIS A 89 6.95 -2.66 -22.58
CA HIS A 89 7.29 -3.54 -21.40
C HIS A 89 6.41 -3.27 -20.18
N CYS A 90 5.82 -4.34 -19.64
CA CYS A 90 4.74 -4.23 -18.67
C CYS A 90 4.59 -5.48 -17.79
N ALA A 91 3.74 -5.37 -16.77
CA ALA A 91 3.37 -6.48 -15.91
C ALA A 91 1.91 -6.86 -16.17
N VAL A 92 1.64 -8.14 -16.44
CA VAL A 92 0.29 -8.61 -16.76
C VAL A 92 -0.24 -9.57 -15.70
N LYS A 93 -1.25 -9.15 -14.95
CA LYS A 93 -1.91 -10.01 -13.96
C LYS A 93 -3.08 -10.70 -14.62
N SER A 94 -3.09 -12.04 -14.55
CA SER A 94 -4.13 -12.85 -15.18
C SER A 94 -5.08 -13.36 -14.11
N LEU A 95 -6.33 -12.88 -14.16
CA LEU A 95 -7.37 -13.23 -13.18
C LEU A 95 -8.08 -14.53 -13.62
N ASN A 96 -9.24 -14.83 -13.04
CA ASN A 96 -9.98 -16.08 -13.32
C ASN A 96 -11.11 -15.84 -14.31
N ILE A 101 -20.84 -14.41 -16.63
CA ILE A 101 -21.21 -13.17 -17.37
C ILE A 101 -21.41 -11.99 -16.42
N GLY A 102 -22.12 -12.22 -15.31
CA GLY A 102 -22.37 -11.19 -14.30
C GLY A 102 -21.14 -10.47 -13.76
N GLU A 103 -20.03 -11.20 -13.67
CA GLU A 103 -18.75 -10.66 -13.19
C GLU A 103 -17.93 -9.92 -14.28
N VAL A 104 -18.31 -10.05 -15.56
CA VAL A 104 -17.63 -9.37 -16.67
C VAL A 104 -17.98 -7.87 -16.69
N SER A 105 -19.22 -7.54 -16.32
CA SER A 105 -19.63 -6.13 -16.08
C SER A 105 -18.72 -5.47 -15.06
N GLN A 106 -18.51 -6.18 -13.95
CA GLN A 106 -17.68 -5.71 -12.84
C GLN A 106 -16.22 -5.49 -13.24
N PHE A 107 -15.68 -6.40 -14.06
CA PHE A 107 -14.31 -6.29 -14.57
C PHE A 107 -14.14 -5.07 -15.49
N LEU A 108 -15.05 -4.92 -16.46
CA LEU A 108 -15.02 -3.77 -17.38
C LEU A 108 -15.18 -2.41 -16.66
N THR A 109 -16.11 -2.36 -15.71
CA THR A 109 -16.43 -1.13 -14.98
C THR A 109 -15.29 -0.72 -14.04
N GLU A 110 -14.65 -1.70 -13.43
CA GLU A 110 -13.48 -1.45 -12.58
C GLU A 110 -12.33 -0.86 -13.39
N GLY A 111 -12.20 -1.32 -14.64
CA GLY A 111 -11.19 -0.82 -15.56
C GLY A 111 -11.32 0.65 -15.89
N ILE A 112 -12.56 1.10 -16.12
CA ILE A 112 -12.82 2.50 -16.49
C ILE A 112 -12.51 3.43 -15.32
N ILE A 113 -12.96 3.05 -14.12
CA ILE A 113 -12.70 3.82 -12.89
C ILE A 113 -11.21 3.92 -12.62
N MET A 114 -10.50 2.82 -12.83
CA MET A 114 -9.07 2.71 -12.57
C MET A 114 -8.24 3.44 -13.64
N LYS A 115 -8.68 3.37 -14.90
CA LYS A 115 -8.01 4.09 -15.99
C LYS A 115 -8.05 5.61 -15.80
N ASP A 116 -9.07 6.11 -15.11
CA ASP A 116 -9.21 7.54 -14.82
C ASP A 116 -8.16 8.08 -13.83
N PHE A 117 -7.63 7.23 -12.93
CA PHE A 117 -6.61 7.67 -11.97
C PHE A 117 -5.26 7.89 -12.65
N SER A 118 -4.80 9.14 -12.65
CA SER A 118 -3.51 9.51 -13.20
C SER A 118 -2.76 10.41 -12.22
N HIS A 119 -1.66 9.90 -11.69
CA HIS A 119 -0.84 10.63 -10.73
C HIS A 119 0.53 9.94 -10.63
N PRO A 120 1.62 10.70 -10.52
CA PRO A 120 2.97 10.08 -10.54
C PRO A 120 3.31 9.16 -9.36
N ASN A 121 2.64 9.34 -8.24
CA ASN A 121 2.74 8.42 -7.12
C ASN A 121 1.57 7.42 -6.98
N VAL A 122 0.91 7.10 -8.09
CA VAL A 122 -0.16 6.09 -8.13
C VAL A 122 0.09 5.17 -9.33
N LEU A 123 0.02 3.86 -9.10
CA LEU A 123 0.19 2.92 -10.20
C LEU A 123 -0.99 3.05 -11.16
N SER A 124 -0.71 3.41 -12.40
CA SER A 124 -1.73 3.59 -13.42
C SER A 124 -2.09 2.25 -14.05
N LEU A 125 -3.19 2.23 -14.80
CA LEU A 125 -3.62 1.07 -15.56
C LEU A 125 -3.37 1.37 -17.03
N LEU A 126 -2.54 0.56 -17.68
CA LEU A 126 -2.28 0.71 -19.10
C LEU A 126 -3.47 0.23 -19.92
N GLY A 127 -4.09 -0.87 -19.48
CA GLY A 127 -5.31 -1.37 -20.12
C GLY A 127 -5.74 -2.74 -19.65
N ILE A 128 -6.79 -3.25 -20.28
CA ILE A 128 -7.32 -4.58 -19.99
C ILE A 128 -7.50 -5.35 -21.29
N CYS A 129 -7.52 -6.68 -21.15
CA CYS A 129 -7.64 -7.58 -22.30
C CYS A 129 -8.38 -8.85 -21.91
N LEU A 130 -9.23 -9.33 -22.82
CA LEU A 130 -10.07 -10.51 -22.59
C LEU A 130 -10.09 -11.38 -23.83
N PRO A 136 -8.73 -12.86 -19.03
CA PRO A 136 -8.96 -11.74 -18.11
C PRO A 136 -7.65 -11.15 -17.58
N LEU A 137 -7.13 -10.17 -18.32
CA LEU A 137 -5.77 -9.67 -18.14
C LEU A 137 -5.75 -8.20 -17.77
N VAL A 138 -4.91 -7.87 -16.79
CA VAL A 138 -4.78 -6.53 -16.24
C VAL A 138 -3.37 -6.07 -16.53
N VAL A 139 -3.23 -5.09 -17.42
CA VAL A 139 -1.93 -4.65 -17.89
C VAL A 139 -1.47 -3.40 -17.15
N LEU A 140 -0.33 -3.52 -16.48
CA LEU A 140 0.18 -2.51 -15.58
C LEU A 140 1.61 -2.16 -15.97
N PRO A 141 2.08 -0.95 -15.63
CA PRO A 141 3.49 -0.65 -15.91
C PRO A 141 4.43 -1.49 -15.05
N TYR A 142 5.53 -1.93 -15.65
CA TYR A 142 6.51 -2.75 -14.96
C TYR A 142 7.25 -1.87 -13.99
N MET A 143 7.32 -2.29 -12.73
CA MET A 143 8.07 -1.58 -11.70
C MET A 143 9.42 -2.28 -11.50
N LYS A 144 10.48 -1.67 -12.01
CA LYS A 144 11.85 -2.25 -11.98
C LYS A 144 12.31 -2.71 -10.59
N HIS A 145 12.07 -1.90 -9.56
CA HIS A 145 12.57 -2.22 -8.23
C HIS A 145 11.55 -2.92 -7.31
N GLY A 146 10.42 -3.36 -7.86
CA GLY A 146 9.46 -4.18 -7.13
C GLY A 146 8.77 -3.45 -5.99
N ASP A 147 8.37 -4.19 -4.97
CA ASP A 147 7.63 -3.63 -3.84
C ASP A 147 8.53 -2.87 -2.87
N LEU A 148 7.97 -1.86 -2.22
CA LEU A 148 8.75 -0.95 -1.38
C LEU A 148 9.38 -1.64 -0.16
N ARG A 149 8.68 -2.60 0.43
CA ARG A 149 9.17 -3.31 1.63
C ARG A 149 10.43 -4.12 1.32
N ASN A 150 10.35 -4.95 0.29
CA ASN A 150 11.51 -5.75 -0.13
C ASN A 150 12.69 -4.86 -0.49
N PHE A 151 12.41 -3.74 -1.17
CA PHE A 151 13.44 -2.79 -1.53
C PHE A 151 14.21 -2.28 -0.31
N ILE A 152 13.49 -1.74 0.68
CA ILE A 152 14.14 -1.20 1.88
C ILE A 152 14.77 -2.26 2.80
N ARG A 153 14.22 -3.47 2.79
CA ARG A 153 14.82 -4.62 3.53
C ARG A 153 16.14 -5.10 2.94
N ASN A 154 16.32 -4.93 1.63
CA ASN A 154 17.48 -5.46 0.91
C ASN A 154 18.78 -4.88 1.45
N GLU A 155 19.64 -5.74 1.96
CA GLU A 155 20.88 -5.32 2.62
C GLU A 155 21.93 -4.67 1.69
N THR A 156 21.79 -4.85 0.37
CA THR A 156 22.68 -4.21 -0.62
C THR A 156 22.22 -2.78 -0.99
N HIS A 157 21.08 -2.33 -0.49
CA HIS A 157 20.66 -0.95 -0.64
C HIS A 157 21.09 -0.18 0.59
N ASN A 158 21.39 1.11 0.40
CA ASN A 158 21.97 1.97 1.44
C ASN A 158 21.16 3.27 1.58
N PRO A 159 19.88 3.15 2.02
CA PRO A 159 19.03 4.32 2.18
C PRO A 159 19.46 5.26 3.30
N THR A 160 19.32 6.57 3.07
CA THR A 160 19.49 7.57 4.11
C THR A 160 18.17 7.86 4.80
N VAL A 161 18.21 8.64 5.88
CA VAL A 161 16.98 9.10 6.52
C VAL A 161 16.16 9.91 5.51
N LYS A 162 16.82 10.83 4.79
CA LYS A 162 16.17 11.61 3.73
C LYS A 162 15.48 10.74 2.68
N ASP A 163 16.17 9.70 2.21
CA ASP A 163 15.61 8.78 1.22
C ASP A 163 14.28 8.20 1.70
N LEU A 164 14.28 7.64 2.91
CA LEU A 164 13.12 6.94 3.45
C LEU A 164 11.94 7.85 3.76
N ILE A 165 12.23 9.04 4.27
CA ILE A 165 11.20 10.05 4.50
C ILE A 165 10.63 10.52 3.13
N GLY A 166 11.51 10.57 2.12
CA GLY A 166 11.13 10.85 0.74
C GLY A 166 10.14 9.86 0.19
N PHE A 167 10.36 8.57 0.45
CA PHE A 167 9.42 7.54 0.02
C PHE A 167 8.08 7.75 0.70
N GLY A 168 8.12 7.98 2.00
CA GLY A 168 6.93 8.30 2.78
C GLY A 168 6.20 9.49 2.20
N LEU A 169 6.94 10.54 1.89
CA LEU A 169 6.36 11.75 1.31
C LEU A 169 5.65 11.46 0.00
N GLN A 170 6.28 10.66 -0.85
CA GLN A 170 5.67 10.25 -2.12
C GLN A 170 4.38 9.45 -1.95
N VAL A 171 4.39 8.50 -1.00
CA VAL A 171 3.19 7.73 -0.65
C VAL A 171 2.05 8.65 -0.21
N ALA A 172 2.36 9.64 0.63
CA ALA A 172 1.35 10.62 1.07
C ALA A 172 0.74 11.41 -0.09
N LYS A 173 1.58 11.79 -1.05
CA LYS A 173 1.08 12.49 -2.24
C LYS A 173 0.13 11.61 -3.06
N GLY A 174 0.44 10.31 -3.14
CA GLY A 174 -0.41 9.35 -3.82
C GLY A 174 -1.75 9.19 -3.14
N MET A 175 -1.71 9.04 -1.80
CA MET A 175 -2.94 8.91 -1.01
C MET A 175 -3.76 10.18 -1.02
N LYS A 176 -3.09 11.34 -1.02
CA LYS A 176 -3.76 12.62 -1.12
C LYS A 176 -4.61 12.67 -2.38
N TYR A 177 -4.04 12.20 -3.49
CA TYR A 177 -4.75 12.15 -4.77
C TYR A 177 -5.94 11.18 -4.71
N LEU A 178 -5.68 9.96 -4.24
CA LEU A 178 -6.71 8.93 -4.14
C LEU A 178 -7.84 9.38 -3.22
N ALA A 179 -7.48 9.95 -2.09
CA ALA A 179 -8.45 10.50 -1.13
C ALA A 179 -9.31 11.63 -1.71
N SER A 180 -8.73 12.42 -2.62
CA SER A 180 -9.49 13.48 -3.30
C SER A 180 -10.51 12.92 -4.30
N LYS A 181 -10.28 11.70 -4.79
CA LYS A 181 -11.25 10.98 -5.63
C LYS A 181 -12.24 10.12 -4.82
N LYS A 182 -12.27 10.33 -3.50
CA LYS A 182 -13.12 9.57 -2.56
C LYS A 182 -12.82 8.07 -2.58
N PHE A 183 -11.57 7.72 -2.87
CA PHE A 183 -11.15 6.32 -2.93
C PHE A 183 -10.47 5.92 -1.62
N VAL A 184 -11.01 4.89 -0.96
CA VAL A 184 -10.41 4.30 0.24
C VAL A 184 -9.58 3.10 -0.22
N HIS A 185 -8.30 3.07 0.15
CA HIS A 185 -7.41 1.97 -0.24
C HIS A 185 -7.77 0.64 0.46
N ARG A 186 -7.94 0.67 1.78
CA ARG A 186 -8.24 -0.51 2.65
C ARG A 186 -7.07 -1.42 3.01
N ASP A 187 -5.91 -1.22 2.40
CA ASP A 187 -4.77 -2.12 2.57
C ASP A 187 -3.47 -1.43 2.20
N LEU A 188 -3.28 -0.23 2.75
CA LEU A 188 -2.05 0.52 2.54
C LEU A 188 -0.96 -0.04 3.45
N ALA A 189 0.17 -0.38 2.84
CA ALA A 189 1.33 -0.96 3.52
C ALA A 189 2.51 -0.96 2.54
N ALA A 190 3.73 -1.02 3.06
CA ALA A 190 4.94 -0.99 2.23
C ALA A 190 4.99 -2.10 1.17
N ARG A 191 4.46 -3.29 1.49
CA ARG A 191 4.32 -4.39 0.52
C ARG A 191 3.47 -4.06 -0.71
N ASN A 192 2.54 -3.12 -0.55
CA ASN A 192 1.57 -2.77 -1.59
C ASN A 192 1.87 -1.47 -2.32
N CYS A 193 3.02 -0.87 -2.03
CA CYS A 193 3.56 0.23 -2.83
C CYS A 193 4.72 -0.30 -3.65
N MET A 194 4.96 0.30 -4.81
CA MET A 194 6.02 -0.15 -5.72
C MET A 194 6.93 0.98 -6.17
N LEU A 195 8.08 0.61 -6.72
CA LEU A 195 9.15 1.54 -7.00
C LEU A 195 9.68 1.34 -8.43
N ASP A 196 9.67 2.40 -9.22
CA ASP A 196 10.07 2.32 -10.64
C ASP A 196 11.56 2.63 -10.78
N GLU A 197 12.03 2.71 -12.03
CA GLU A 197 13.47 2.90 -12.33
C GLU A 197 14.09 4.22 -11.84
N LYS A 198 13.26 5.24 -11.64
CA LYS A 198 13.70 6.54 -11.10
C LYS A 198 13.46 6.67 -9.58
N PHE A 199 13.20 5.55 -8.89
CA PHE A 199 12.87 5.53 -7.46
C PHE A 199 11.64 6.38 -7.10
N THR A 200 10.68 6.43 -8.03
CA THR A 200 9.39 7.04 -7.77
C THR A 200 8.48 5.96 -7.17
N VAL A 201 7.97 6.23 -5.98
CA VAL A 201 7.07 5.31 -5.31
C VAL A 201 5.68 5.45 -5.89
N LYS A 202 5.04 4.32 -6.17
CA LYS A 202 3.68 4.29 -6.67
C LYS A 202 2.81 3.42 -5.76
N VAL A 203 1.78 4.04 -5.18
CA VAL A 203 0.77 3.34 -4.41
C VAL A 203 0.10 2.38 -5.38
N ALA A 204 0.02 1.11 -5.02
CA ALA A 204 -0.45 0.05 -5.90
C ALA A 204 -1.50 -0.81 -5.17
N ASP A 205 -1.76 -2.02 -5.66
CA ASP A 205 -2.67 -2.97 -5.00
C ASP A 205 -4.09 -2.41 -4.82
N PHE A 206 -4.66 -1.87 -5.89
CA PHE A 206 -6.03 -1.39 -5.85
C PHE A 206 -6.71 -1.66 -7.18
N GLY A 207 -8.04 -1.57 -7.17
CA GLY A 207 -8.84 -1.86 -8.36
C GLY A 207 -8.64 -3.30 -8.77
N LEU A 208 -8.38 -3.50 -10.07
CA LEU A 208 -8.16 -4.83 -10.64
C LEU A 208 -6.82 -5.47 -10.26
N ALA A 209 -5.88 -4.65 -9.74
CA ALA A 209 -4.62 -5.14 -9.18
C ALA A 209 -4.71 -5.58 -7.72
N ARG A 210 -5.89 -5.49 -7.11
CA ARG A 210 -6.11 -5.88 -5.71
C ARG A 210 -5.80 -7.36 -5.48
N ASP A 211 -4.91 -7.64 -4.53
CA ASP A 211 -4.64 -9.02 -4.11
C ASP A 211 -3.95 -9.07 -2.74
N MET A 212 -3.75 -10.28 -2.22
CA MET A 212 -2.89 -10.54 -1.08
C MET A 212 -1.53 -11.03 -1.59
N TYR A 213 -0.58 -10.10 -1.70
CA TYR A 213 0.73 -10.42 -2.30
C TYR A 213 1.75 -11.05 -1.33
N ASP A 214 1.46 -10.99 -0.03
CA ASP A 214 2.18 -11.77 1.00
C ASP A 214 1.14 -12.26 2.01
N LYS A 215 0.77 -13.53 1.88
CA LYS A 215 -0.28 -14.14 2.71
C LYS A 215 0.01 -14.09 4.22
N GLU A 216 1.28 -14.05 4.59
CA GLU A 216 1.74 -13.96 5.97
C GLU A 216 1.03 -12.88 6.82
N TYR A 217 0.77 -11.71 6.22
CA TYR A 217 0.27 -10.57 6.98
C TYR A 217 -1.25 -10.32 6.89
N TYR A 218 -2.01 -11.40 6.59
CA TYR A 218 -3.48 -11.35 6.53
C TYR A 218 -4.07 -12.43 7.44
N SER A 219 -4.95 -12.04 8.36
CA SER A 219 -5.50 -12.94 9.36
C SER A 219 -7.01 -13.10 9.21
N VAL A 220 -7.48 -14.33 9.36
CA VAL A 220 -8.89 -14.66 9.14
C VAL A 220 -9.71 -14.23 10.35
N HIS A 221 -10.72 -13.37 10.14
CA HIS A 221 -11.71 -13.11 11.19
C HIS A 221 -12.59 -14.36 11.32
N ASN A 222 -12.74 -14.85 12.55
CA ASN A 222 -13.35 -16.16 12.80
C ASN A 222 -14.81 -16.23 12.34
N LYS A 223 -15.54 -15.13 12.47
CA LYS A 223 -16.94 -15.05 12.02
C LYS A 223 -17.05 -14.95 10.49
N THR A 224 -16.64 -13.81 9.95
CA THR A 224 -16.90 -13.46 8.55
C THR A 224 -16.03 -14.23 7.55
N GLY A 225 -14.87 -14.70 8.01
CA GLY A 225 -13.90 -15.38 7.15
C GLY A 225 -13.03 -14.46 6.31
N ALA A 226 -13.15 -13.15 6.50
CA ALA A 226 -12.40 -12.19 5.71
C ALA A 226 -10.97 -12.15 6.22
N LYS A 227 -10.01 -12.25 5.30
CA LYS A 227 -8.59 -12.23 5.62
C LYS A 227 -8.15 -10.77 5.55
N LEU A 228 -7.71 -10.24 6.68
CA LEU A 228 -7.49 -8.79 6.82
C LEU A 228 -6.10 -8.45 7.35
N PRO A 229 -5.52 -7.33 6.88
CA PRO A 229 -4.19 -6.92 7.32
C PRO A 229 -4.24 -6.25 8.71
N VAL A 230 -4.45 -7.06 9.74
CA VAL A 230 -4.78 -6.55 11.09
C VAL A 230 -3.71 -5.64 11.71
N LYS A 231 -2.44 -5.89 11.40
CA LYS A 231 -1.35 -5.05 11.90
C LYS A 231 -1.33 -3.62 11.31
N TRP A 232 -2.07 -3.38 10.22
CA TRP A 232 -2.15 -2.06 9.58
C TRP A 232 -3.50 -1.37 9.80
N MET A 233 -4.40 -2.00 10.55
CA MET A 233 -5.78 -1.56 10.61
C MET A 233 -6.01 -0.64 11.79
N ALA A 234 -6.88 0.34 11.59
CA ALA A 234 -7.28 1.26 12.66
C ALA A 234 -8.06 0.53 13.72
N LEU A 235 -7.95 1.03 14.95
CA LEU A 235 -8.67 0.52 16.08
C LEU A 235 -10.18 0.35 15.79
N GLU A 236 -10.79 1.32 15.10
CA GLU A 236 -12.21 1.22 14.76
C GLU A 236 -12.51 0.16 13.68
N SER A 237 -11.63 0.02 12.69
CA SER A 237 -11.81 -1.01 11.65
C SER A 237 -11.63 -2.44 12.15
N LEU A 238 -10.74 -2.63 13.13
CA LEU A 238 -10.58 -3.94 13.77
C LEU A 238 -11.87 -4.41 14.41
N GLN A 239 -12.66 -3.46 14.93
CA GLN A 239 -13.92 -3.77 15.62
C GLN A 239 -15.15 -3.85 14.70
N THR A 240 -15.16 -3.09 13.60
CA THR A 240 -16.32 -3.01 12.69
C THR A 240 -16.12 -3.62 11.30
N GLN A 241 -14.87 -3.77 10.88
CA GLN A 241 -14.49 -4.10 9.50
C GLN A 241 -14.99 -3.07 8.46
N LYS A 242 -15.12 -1.81 8.88
CA LYS A 242 -15.43 -0.69 7.99
C LYS A 242 -14.16 0.11 7.81
N PHE A 243 -13.93 0.59 6.58
CA PHE A 243 -12.72 1.34 6.25
C PHE A 243 -13.08 2.73 5.71
N THR A 244 -12.29 3.73 6.10
CA THR A 244 -12.43 5.10 5.64
C THR A 244 -11.07 5.64 5.21
N THR A 245 -11.05 6.87 4.70
CA THR A 245 -9.80 7.60 4.48
C THR A 245 -9.02 7.79 5.79
N LYS A 246 -9.73 8.01 6.89
CA LYS A 246 -9.10 8.12 8.20
C LYS A 246 -8.50 6.81 8.68
N SER A 247 -9.07 5.67 8.30
CA SER A 247 -8.43 4.39 8.60
C SER A 247 -7.24 4.13 7.69
N ASP A 248 -7.26 4.64 6.44
CA ASP A 248 -6.04 4.68 5.60
C ASP A 248 -4.90 5.50 6.26
N VAL A 249 -5.25 6.59 6.93
CA VAL A 249 -4.27 7.44 7.58
C VAL A 249 -3.53 6.68 8.68
N TRP A 250 -4.27 5.89 9.46
CA TRP A 250 -3.66 5.01 10.45
C TRP A 250 -2.64 4.10 9.78
N SER A 251 -3.06 3.44 8.69
CA SER A 251 -2.21 2.51 7.95
C SER A 251 -0.95 3.18 7.45
N PHE A 252 -1.12 4.42 6.97
CA PHE A 252 -0.01 5.22 6.51
C PHE A 252 0.98 5.46 7.63
N GLY A 253 0.48 5.69 8.84
CA GLY A 253 1.31 5.75 10.05
C GLY A 253 2.16 4.52 10.25
N VAL A 254 1.53 3.36 10.09
CA VAL A 254 2.24 2.08 10.18
C VAL A 254 3.28 1.96 9.05
N LEU A 255 2.94 2.42 7.86
CA LEU A 255 3.87 2.43 6.72
C LEU A 255 5.10 3.29 7.01
N LEU A 256 4.92 4.46 7.60
CA LEU A 256 6.05 5.28 8.00
C LEU A 256 6.98 4.53 8.96
N TRP A 257 6.39 3.82 9.92
CA TRP A 257 7.16 2.98 10.85
C TRP A 257 7.96 1.91 10.12
N GLU A 258 7.34 1.28 9.13
CA GLU A 258 8.02 0.28 8.27
C GLU A 258 9.20 0.91 7.54
N LEU A 259 8.99 2.09 6.97
CA LEU A 259 10.05 2.80 6.26
C LEU A 259 11.25 3.02 7.16
N MET A 260 11.02 3.60 8.33
CA MET A 260 12.14 3.95 9.23
C MET A 260 12.79 2.75 9.92
N THR A 261 12.12 1.59 9.91
CA THR A 261 12.75 0.34 10.40
C THR A 261 13.30 -0.52 9.24
N ARG A 262 13.28 0.01 8.02
CA ARG A 262 13.64 -0.73 6.81
C ARG A 262 12.89 -2.06 6.66
N GLY A 263 11.59 -2.02 6.96
CA GLY A 263 10.67 -3.11 6.67
C GLY A 263 10.60 -4.19 7.72
N ALA A 264 10.72 -3.80 8.98
CA ALA A 264 10.49 -4.70 10.10
C ALA A 264 8.99 -5.01 10.17
N PRO A 265 8.62 -6.24 10.61
CA PRO A 265 7.20 -6.53 10.79
C PRO A 265 6.64 -5.72 12.00
N PRO A 266 5.47 -5.06 11.85
CA PRO A 266 4.89 -4.36 13.00
C PRO A 266 4.39 -5.31 14.06
N TYR A 267 4.57 -4.95 15.34
CA TYR A 267 4.07 -5.77 16.47
C TYR A 267 4.45 -7.28 16.41
N PRO A 268 5.75 -7.60 16.55
CA PRO A 268 6.17 -9.03 16.49
C PRO A 268 5.43 -9.97 17.46
N ASP A 269 4.81 -11.02 16.90
CA ASP A 269 4.02 -12.04 17.65
C ASP A 269 2.60 -11.62 18.08
N VAL A 270 2.17 -10.42 17.71
CA VAL A 270 0.78 -9.98 17.86
C VAL A 270 0.18 -10.04 16.43
N ASN A 271 -0.45 -11.18 16.11
CA ASN A 271 -0.80 -11.52 14.71
C ASN A 271 -2.30 -11.68 14.38
N THR A 272 -3.15 -11.79 15.41
CA THR A 272 -4.60 -11.94 15.20
C THR A 272 -5.33 -10.63 15.55
N PHE A 273 -6.67 -10.67 15.53
CA PHE A 273 -7.51 -9.56 16.00
C PHE A 273 -7.36 -9.22 17.51
N ASP A 274 -6.66 -10.10 18.26
CA ASP A 274 -6.17 -9.77 19.61
C ASP A 274 -5.19 -8.57 19.65
N ILE A 275 -4.69 -8.11 18.50
CA ILE A 275 -4.06 -6.77 18.36
C ILE A 275 -4.95 -5.65 18.95
N THR A 276 -6.26 -5.81 18.83
CA THR A 276 -7.23 -4.87 19.37
C THR A 276 -7.07 -4.73 20.90
N VAL A 277 -6.95 -5.86 21.58
CA VAL A 277 -6.70 -5.88 23.02
C VAL A 277 -5.34 -5.24 23.35
N TYR A 278 -4.33 -5.52 22.54
CA TYR A 278 -2.99 -4.97 22.75
C TYR A 278 -3.00 -3.44 22.62
N LEU A 279 -3.60 -2.94 21.55
CA LEU A 279 -3.72 -1.50 21.37
C LEU A 279 -4.52 -0.84 22.50
N LEU A 280 -5.60 -1.48 22.95
CA LEU A 280 -6.45 -0.94 24.02
C LEU A 280 -5.85 -1.03 25.46
N GLN A 281 -4.68 -1.65 25.62
CA GLN A 281 -3.94 -1.51 26.88
C GLN A 281 -3.29 -0.11 26.98
N GLY A 282 -3.18 0.60 25.86
CA GLY A 282 -2.61 1.94 25.80
C GLY A 282 -1.27 1.96 25.08
N ARG A 283 -1.19 1.27 23.95
CA ARG A 283 0.07 1.00 23.30
C ARG A 283 0.07 1.49 21.86
N ARG A 284 1.25 1.89 21.40
CA ARG A 284 1.52 2.16 19.99
C ARG A 284 2.89 1.59 19.67
N LEU A 285 3.17 1.48 18.37
CA LEU A 285 4.49 1.04 17.91
C LEU A 285 5.55 2.00 18.47
N LEU A 286 6.69 1.44 18.88
CA LEU A 286 7.80 2.22 19.45
C LEU A 286 8.48 3.06 18.38
N GLN A 287 9.14 4.14 18.81
CA GLN A 287 9.88 5.01 17.90
C GLN A 287 11.11 4.27 17.37
N PRO A 288 11.24 4.13 16.04
CA PRO A 288 12.46 3.49 15.52
C PRO A 288 13.73 4.31 15.78
N GLU A 289 14.83 3.60 15.93
CA GLU A 289 16.14 4.21 16.22
C GLU A 289 16.53 5.37 15.28
N TYR A 290 16.21 5.24 13.99
CA TYR A 290 16.55 6.26 12.97
C TYR A 290 15.37 7.17 12.57
N CYS A 291 14.29 7.13 13.33
CA CYS A 291 13.13 7.96 13.05
C CYS A 291 13.28 9.28 13.81
N PRO A 292 13.29 10.43 13.11
CA PRO A 292 13.34 11.72 13.81
C PRO A 292 12.12 11.95 14.69
N ASP A 293 12.30 12.66 15.81
CA ASP A 293 11.23 12.95 16.75
C ASP A 293 9.96 13.55 16.09
N PRO A 294 10.12 14.59 15.22
CA PRO A 294 8.95 15.14 14.53
C PRO A 294 8.18 14.14 13.67
N LEU A 295 8.89 13.19 13.05
CA LEU A 295 8.21 12.18 12.23
C LEU A 295 7.45 11.19 13.11
N TYR A 296 8.01 10.85 14.26
CA TYR A 296 7.30 9.98 15.21
C TYR A 296 6.05 10.64 15.77
N GLU A 297 6.11 11.95 16.00
CA GLU A 297 4.92 12.73 16.37
C GLU A 297 3.84 12.68 15.29
N VAL A 298 4.26 12.71 14.03
CA VAL A 298 3.35 12.50 12.91
C VAL A 298 2.71 11.10 12.96
N MET A 299 3.50 10.09 13.24
CA MET A 299 2.99 8.72 13.36
C MET A 299 1.94 8.62 14.47
N LEU A 300 2.19 9.27 15.60
CA LEU A 300 1.24 9.23 16.73
C LEU A 300 -0.07 9.96 16.41
N LYS A 301 0.01 11.00 15.60
CA LYS A 301 -1.19 11.69 15.11
C LYS A 301 -2.00 10.82 14.14
N CYS A 302 -1.30 10.02 13.31
CA CYS A 302 -1.95 9.08 12.42
C CYS A 302 -2.75 8.02 13.18
N TRP A 303 -2.27 7.66 14.37
CA TRP A 303 -2.93 6.64 15.22
C TRP A 303 -3.82 7.21 16.32
N HIS A 304 -4.27 8.46 16.15
CA HIS A 304 -5.17 9.11 17.10
C HIS A 304 -6.37 8.19 17.30
N PRO A 305 -6.77 7.96 18.56
CA PRO A 305 -7.94 7.11 18.86
C PRO A 305 -9.23 7.51 18.14
N LYS A 306 -9.51 8.81 18.13
CA LYS A 306 -10.62 9.41 17.38
C LYS A 306 -10.26 9.67 15.91
N ALA A 307 -10.89 8.91 15.01
CA ALA A 307 -10.61 8.98 13.56
C ALA A 307 -10.60 10.40 12.99
N GLU A 308 -11.59 11.20 13.42
CA GLU A 308 -11.79 12.59 12.96
C GLU A 308 -10.61 13.50 13.28
N MET A 309 -9.89 13.18 14.35
CA MET A 309 -8.76 13.99 14.80
C MET A 309 -7.47 13.68 14.07
N ARG A 310 -7.42 12.58 13.32
CA ARG A 310 -6.24 12.25 12.52
C ARG A 310 -6.05 13.30 11.41
N PRO A 311 -4.78 13.57 11.04
CA PRO A 311 -4.56 14.52 9.95
C PRO A 311 -5.05 13.98 8.61
N SER A 312 -5.41 14.89 7.72
CA SER A 312 -5.70 14.54 6.34
C SER A 312 -4.39 14.22 5.62
N PHE A 313 -4.50 13.60 4.46
CA PHE A 313 -3.33 13.38 3.61
C PHE A 313 -2.72 14.68 3.07
N SER A 314 -3.53 15.71 2.86
CA SER A 314 -3.02 17.07 2.57
C SER A 314 -2.10 17.60 3.66
N GLU A 315 -2.54 17.49 4.92
CA GLU A 315 -1.74 17.89 6.08
C GLU A 315 -0.48 17.02 6.23
N LEU A 316 -0.61 15.72 5.99
CA LEU A 316 0.57 14.84 6.03
C LEU A 316 1.62 15.20 4.96
N VAL A 317 1.17 15.49 3.75
CA VAL A 317 2.08 15.93 2.69
C VAL A 317 2.83 17.19 3.14
N SER A 318 2.09 18.15 3.69
CA SER A 318 2.68 19.40 4.18
C SER A 318 3.74 19.18 5.26
N ARG A 319 3.37 18.43 6.29
CA ARG A 319 4.24 18.20 7.44
C ARG A 319 5.48 17.36 7.11
N ILE A 320 5.31 16.32 6.31
CA ILE A 320 6.42 15.47 5.94
C ILE A 320 7.39 16.20 5.00
N SER A 321 6.86 17.00 4.09
CA SER A 321 7.69 17.76 3.17
C SER A 321 8.59 18.78 3.90
N ALA A 322 8.10 19.29 5.03
CA ALA A 322 8.87 20.16 5.88
C ALA A 322 10.02 19.39 6.56
N ILE A 323 9.66 18.26 7.16
CA ILE A 323 10.62 17.41 7.88
C ILE A 323 11.70 16.96 6.89
N PHE A 324 11.25 16.40 5.78
CA PHE A 324 12.10 16.00 4.65
C PHE A 324 13.13 17.06 4.25
N SER A 325 12.67 18.30 4.10
CA SER A 325 13.56 19.41 3.68
C SER A 325 14.72 19.71 4.64
N THR A 326 14.61 19.30 5.90
CA THR A 326 15.68 19.54 6.89
C THR A 326 16.88 18.58 6.75
N PHE A 327 16.68 17.44 6.09
CA PHE A 327 17.76 16.44 5.95
C PHE A 327 18.57 16.68 4.68
N ILE A 328 19.84 16.29 4.71
CA ILE A 328 20.77 16.50 3.59
C ILE A 328 21.45 15.21 3.09
N GLY A 329 20.99 14.04 3.56
CA GLY A 329 21.47 12.75 3.07
C GLY A 329 22.77 12.29 3.69
N GLU A 330 22.97 12.60 4.97
CA GLU A 330 24.16 12.18 5.72
C GLU A 330 23.90 11.07 6.76
N HIS A 331 22.62 10.77 7.04
CA HIS A 331 22.26 9.75 8.02
C HIS A 331 21.91 8.46 7.32
N TYR A 332 22.81 7.48 7.39
CA TYR A 332 22.54 6.14 6.84
C TYR A 332 21.68 5.37 7.82
N VAL A 333 20.62 4.73 7.32
CA VAL A 333 19.74 3.94 8.15
C VAL A 333 20.14 2.48 8.02
N HIS A 334 20.44 1.87 9.16
CA HIS A 334 20.90 0.49 9.24
C HIS A 334 19.79 -0.33 9.86
N VAL A 335 19.88 -1.65 9.75
CA VAL A 335 18.76 -2.48 10.18
C VAL A 335 19.00 -2.87 11.65
N ASN A 336 17.92 -2.92 12.42
CA ASN A 336 17.97 -3.35 13.81
C ASN A 336 18.27 -4.84 13.85
N ALA A 337 19.22 -5.22 14.69
CA ALA A 337 19.58 -6.63 14.88
C ALA A 337 18.42 -7.50 15.39
N THR A 338 17.56 -6.92 16.23
CA THR A 338 16.44 -7.66 16.82
C THR A 338 15.29 -7.92 15.85
N TYR A 339 15.24 -7.19 14.73
CA TYR A 339 14.25 -7.40 13.66
C TYR A 339 14.73 -8.27 12.48
N VAL A 340 16.04 -8.57 12.40
CA VAL A 340 16.57 -9.39 11.31
C VAL A 340 15.99 -10.81 11.37
N ASN A 341 15.54 -11.30 10.20
CA ASN A 341 14.92 -12.63 10.03
C ASN A 341 13.59 -12.86 10.78
N VAL A 342 12.93 -11.77 11.21
CA VAL A 342 11.67 -11.86 11.96
C VAL A 342 10.51 -11.63 10.98
N LYS A 343 9.46 -12.46 11.08
CA LYS A 343 8.29 -12.40 10.19
C LYS A 343 7.04 -11.83 10.87
C4 84P B . 4.05 -8.48 -5.38
C5 84P B . 4.06 -7.19 -3.60
C6 84P B . 5.85 -6.59 -10.27
C7 84P B . 2.64 -6.32 -5.49
C8 84P B . 3.54 -7.26 -4.88
C10 84P B . 1.41 -5.60 -7.37
C13 84P B . 3.67 -4.08 -11.44
C15 84P B . 2.42 -5.78 -10.29
C17 84P B . 11.23 -6.65 -8.98
C20 84P B . 5.57 -8.69 -2.28
C21 84P B . 1.07 -6.25 -9.81
C1 84P B . 2.11 -5.27 -4.77
C2 84P B . 1.22 -4.37 -5.32
C3 84P B . 2.29 -6.50 -6.82
C9 84P B . 0.88 -4.55 -6.65
C11 84P B . 6.76 -5.74 -10.87
C12 84P B . 4.83 -4.85 -11.15
C14 84P B . 2.47 -4.49 -11.03
C16 84P B . 8.91 -6.71 -10.16
C18 84P B . 11.38 -7.49 -10.22
C19 84P B . 10.35 -6.39 -10.18
N22 84P B . 4.82 -9.13 -4.52
N23 84P B . 0.03 -3.83 -7.45
N24 84P B . 6.10 -4.67 -11.42
N25 84P B . 0.02 -4.40 -8.66
N26 84P B . 3.46 -6.50 -10.01
N27 84P B . 4.63 -6.01 -10.46
N28 84P B . 4.82 -8.32 -3.46
N29 84P B . 0.84 -5.45 -8.60
N30 84P B . 8.14 -5.89 -10.97
O31 84P B . 8.50 -7.66 -9.50
CL CL C . 19.77 12.01 5.88
#